data_6PZ5
#
_entry.id   6PZ5
#
_cell.length_a   51.052
_cell.length_b   82.510
_cell.length_c   109.625
_cell.angle_alpha   90.000
_cell.angle_beta   90.000
_cell.angle_gamma   90.000
#
_symmetry.space_group_name_H-M   'P 21 21 21'
#
loop_
_entity.id
_entity.type
_entity.pdbx_description
1 polymer 'HLA class I histocompatibility antigen, B*27:03 alpha chain'
2 polymer Beta-2-microglobulin
3 polymer 'LRN peptide'
4 water water
#
loop_
_entity_poly.entity_id
_entity_poly.type
_entity_poly.pdbx_seq_one_letter_code
_entity_poly.pdbx_strand_id
1 'polypeptide(L)'
;GSHSMRYFHTSVSRPGRGEPRFITVGYVDDTLFVRFDSDAASPREEPRAPWIEQEGPEHWDRETQICKAKAQTDREDLRT
LLRYYNQSEAGSHTLQNMYGCDVGPDGRLLRGYHQDAYDGKDYIALNEDLSSWTAADTAAQITQRKWEAARVAEQLRAYL
EGECVEWLRRYLENGKETLQRADPPKTHVTHHPISDHEATLRCWALGFYPAEITLTWQRDGEDQTQDTELVETRPAGDRT
FQKWAAVVVPSGEEQRYTCHVQHEGLPKPLTLRWEP
;
A
2 'polypeptide(L)'
;IQRTPKIQVYSRHPAENGKSNFLNCYVSGFHPSDIEVDLLKNGERIEKVEHSDLSFSKDWSFYLLYYTEFTPTEKDEYAC
RVNHVTLSQPKIVKWDRDM
;
B
3 'polypeptide(L)' LRNQSVFNF C
#
# COMPACT_ATOMS: atom_id res chain seq x y z
N GLY A 1 -12.80 16.19 4.16
CA GLY A 1 -13.25 15.00 4.87
C GLY A 1 -12.32 14.55 5.98
N SER A 2 -12.29 13.23 6.23
CA SER A 2 -11.46 12.62 7.26
C SER A 2 -10.07 12.29 6.70
N HIS A 3 -9.04 12.25 7.59
CA HIS A 3 -7.67 12.05 7.11
C HIS A 3 -6.86 11.16 8.03
N SER A 4 -5.71 10.66 7.51
CA SER A 4 -4.84 9.84 8.32
C SER A 4 -3.40 10.17 8.06
N MET A 5 -2.54 9.89 9.06
CA MET A 5 -1.09 9.96 8.91
C MET A 5 -0.60 8.62 9.40
N ARG A 6 0.28 8.00 8.64
CA ARG A 6 0.82 6.70 9.03
C ARG A 6 2.27 6.62 8.71
N TYR A 7 3.03 5.96 9.58
CA TYR A 7 4.39 5.58 9.27
C TYR A 7 4.45 4.06 9.28
N PHE A 8 5.08 3.53 8.23
CA PHE A 8 5.28 2.08 8.00
C PHE A 8 6.75 1.78 8.05
N HIS A 9 7.12 0.68 8.71
CA HIS A 9 8.52 0.29 8.83
C HIS A 9 8.65 -1.19 8.56
N THR A 10 9.67 -1.56 7.78
CA THR A 10 9.95 -2.96 7.53
C THR A 10 11.45 -3.22 7.66
N SER A 11 11.82 -4.21 8.49
CA SER A 11 13.20 -4.70 8.60
C SER A 11 13.21 -6.12 8.14
N VAL A 12 14.18 -6.50 7.28
CA VAL A 12 14.27 -7.87 6.75
C VAL A 12 15.71 -8.36 6.97
N SER A 13 15.88 -9.37 7.85
CA SER A 13 17.22 -9.90 8.04
C SER A 13 17.64 -10.73 6.82
N ARG A 14 18.96 -10.87 6.61
CA ARG A 14 19.54 -11.57 5.45
C ARG A 14 20.85 -12.14 5.95
N PRO A 15 20.80 -13.18 6.82
CA PRO A 15 22.07 -13.70 7.35
C PRO A 15 23.04 -14.10 6.25
N GLY A 16 24.28 -13.67 6.42
CA GLY A 16 25.37 -13.94 5.48
C GLY A 16 25.46 -12.92 4.36
N ARG A 17 24.51 -11.95 4.37
CA ARG A 17 24.43 -10.86 3.38
C ARG A 17 24.36 -9.49 4.06
N GLY A 18 25.10 -9.37 5.15
CA GLY A 18 25.16 -8.13 5.90
C GLY A 18 24.00 -7.94 6.86
N GLU A 19 23.81 -6.69 7.30
CA GLU A 19 22.80 -6.35 8.29
C GLU A 19 21.39 -6.25 7.69
N PRO A 20 20.31 -6.31 8.53
CA PRO A 20 18.95 -6.23 7.97
C PRO A 20 18.66 -4.95 7.19
N ARG A 21 17.92 -5.11 6.08
CA ARG A 21 17.54 -3.94 5.30
C ARG A 21 16.38 -3.28 6.03
N PHE A 22 16.46 -1.96 6.21
CA PHE A 22 15.39 -1.23 6.86
C PHE A 22 14.79 -0.21 5.89
N ILE A 23 13.47 -0.26 5.71
CA ILE A 23 12.79 0.70 4.81
C ILE A 23 11.57 1.24 5.54
N THR A 24 11.46 2.56 5.58
CA THR A 24 10.32 3.19 6.22
C THR A 24 9.78 4.27 5.35
N VAL A 25 8.44 4.36 5.32
CA VAL A 25 7.73 5.35 4.51
C VAL A 25 6.67 6.03 5.36
N GLY A 26 6.36 7.29 5.03
CA GLY A 26 5.29 8.00 5.71
C GLY A 26 4.26 8.41 4.67
N TYR A 27 2.99 8.32 5.04
CA TYR A 27 1.86 8.69 4.21
C TYR A 27 0.91 9.61 4.96
N VAL A 28 0.25 10.50 4.19
CA VAL A 28 -0.91 11.26 4.66
C VAL A 28 -1.97 10.75 3.67
N ASP A 29 -2.99 10.04 4.17
CA ASP A 29 -3.98 9.36 3.31
C ASP A 29 -3.22 8.44 2.34
N ASP A 30 -3.47 8.55 1.03
CA ASP A 30 -2.79 7.75 0.01
C ASP A 30 -1.62 8.46 -0.66
N THR A 31 -1.08 9.52 0.00
CA THR A 31 0.07 10.23 -0.52
C THR A 31 1.33 9.95 0.29
N LEU A 32 2.32 9.38 -0.36
CA LEU A 32 3.64 9.16 0.23
C LEU A 32 4.29 10.56 0.41
N PHE A 33 4.90 10.83 1.59
CA PHE A 33 5.56 12.13 1.74
C PHE A 33 7.01 12.05 2.21
N VAL A 34 7.42 10.92 2.83
CA VAL A 34 8.80 10.72 3.27
C VAL A 34 9.19 9.29 3.11
N ARG A 35 10.49 9.06 2.85
CA ARG A 35 11.02 7.72 2.80
C ARG A 35 12.46 7.70 3.33
N PHE A 36 12.84 6.56 3.88
CA PHE A 36 14.18 6.30 4.36
C PHE A 36 14.50 4.85 4.01
N ASP A 37 15.67 4.62 3.40
CA ASP A 37 16.14 3.30 3.04
C ASP A 37 17.61 3.11 3.53
N SER A 38 17.85 2.10 4.40
CA SER A 38 19.19 1.85 4.90
C SER A 38 20.16 1.44 3.77
N ASP A 39 19.65 0.86 2.65
CA ASP A 39 20.50 0.46 1.50
C ASP A 39 20.81 1.65 0.53
N ALA A 40 20.25 2.87 0.79
CA ALA A 40 20.53 4.06 -0.03
C ALA A 40 22.02 4.52 0.15
N ALA A 41 22.57 5.24 -0.87
CA ALA A 41 23.95 5.74 -0.85
C ALA A 41 24.22 6.54 0.42
N SER A 42 23.36 7.53 0.72
CA SER A 42 23.47 8.33 1.95
C SER A 42 22.09 8.28 2.62
N PRO A 43 21.84 7.27 3.49
CA PRO A 43 20.50 7.18 4.10
C PRO A 43 20.05 8.39 4.88
N ARG A 44 18.87 8.92 4.52
CA ARG A 44 18.27 10.07 5.16
C ARG A 44 16.79 10.01 4.95
N GLU A 45 16.05 10.73 5.79
CA GLU A 45 14.62 10.89 5.61
C GLU A 45 14.53 11.86 4.43
N GLU A 46 14.01 11.37 3.29
CA GLU A 46 13.90 12.21 2.11
C GLU A 46 12.46 12.65 1.87
N PRO A 47 12.27 13.95 1.54
CA PRO A 47 10.93 14.43 1.13
C PRO A 47 10.50 13.82 -0.20
N ARG A 48 9.22 13.51 -0.32
CA ARG A 48 8.62 12.88 -1.49
C ARG A 48 7.34 13.61 -1.96
N ALA A 49 7.01 14.74 -1.31
CA ALA A 49 5.83 15.54 -1.67
C ALA A 49 6.23 17.00 -1.64
N PRO A 50 5.76 17.83 -2.58
CA PRO A 50 6.19 19.23 -2.57
C PRO A 50 5.85 20.03 -1.31
N TRP A 51 4.75 19.69 -0.64
CA TRP A 51 4.31 20.41 0.55
C TRP A 51 5.15 20.15 1.80
N ILE A 52 6.03 19.13 1.78
CA ILE A 52 6.90 18.81 2.92
C ILE A 52 8.29 19.39 2.71
N GLU A 53 8.66 19.71 1.45
CA GLU A 53 9.97 20.29 1.08
C GLU A 53 10.27 21.58 1.86
N GLN A 54 9.23 22.36 2.24
CA GLN A 54 9.34 23.59 3.04
C GLN A 54 9.92 23.37 4.43
N GLU A 55 9.86 22.12 4.99
CA GLU A 55 10.41 21.85 6.32
C GLU A 55 11.93 22.08 6.30
N GLY A 56 12.45 22.64 7.40
CA GLY A 56 13.85 23.03 7.50
C GLY A 56 14.86 21.91 7.68
N PRO A 57 16.18 22.24 7.62
CA PRO A 57 17.23 21.20 7.82
C PRO A 57 17.23 20.54 9.20
N GLU A 58 16.78 21.28 10.25
CA GLU A 58 16.71 20.78 11.62
C GLU A 58 15.63 19.69 11.70
N HIS A 59 14.61 19.80 10.95
CA HIS A 59 13.57 18.82 10.75
C HIS A 59 14.12 17.61 10.00
N TRP A 60 14.78 17.71 8.97
CA TRP A 60 15.34 16.54 8.28
C TRP A 60 16.34 15.78 9.14
N ASP A 61 17.15 16.51 9.93
CA ASP A 61 18.12 15.88 10.82
CA ASP A 61 18.13 15.91 10.84
C ASP A 61 17.40 15.07 11.90
N ARG A 62 16.33 15.63 12.49
CA ARG A 62 15.54 14.95 13.52
C ARG A 62 14.99 13.64 12.96
N GLU A 63 14.37 13.72 11.80
CA GLU A 63 13.70 12.55 11.21
C GLU A 63 14.70 11.47 10.86
N THR A 64 15.85 11.87 10.29
CA THR A 64 16.92 10.97 9.91
C THR A 64 17.42 10.27 11.14
N GLN A 65 17.64 11.03 12.24
CA GLN A 65 18.12 10.48 13.53
CA GLN A 65 18.14 10.40 13.47
C GLN A 65 17.16 9.39 14.04
N ILE A 66 15.85 9.64 13.89
CA ILE A 66 14.84 8.69 14.39
C ILE A 66 14.88 7.43 13.52
N CYS A 67 14.98 7.59 12.21
CA CYS A 67 15.04 6.46 11.29
C CYS A 67 16.25 5.58 11.57
N LYS A 68 17.43 6.21 11.80
CA LYS A 68 18.63 5.44 12.13
C LYS A 68 18.50 4.70 13.46
N ALA A 69 17.89 5.36 14.48
CA ALA A 69 17.71 4.72 15.79
C ALA A 69 16.71 3.56 15.69
N LYS A 70 15.66 3.72 14.85
CA LYS A 70 14.69 2.66 14.65
C LYS A 70 15.30 1.46 13.90
N ALA A 71 16.19 1.68 12.92
CA ALA A 71 16.82 0.57 12.22
C ALA A 71 17.63 -0.26 13.22
N GLN A 72 18.34 0.43 14.14
CA GLN A 72 19.14 -0.22 15.19
C GLN A 72 18.29 -1.00 16.18
N THR A 73 17.20 -0.42 16.71
N THR A 73 17.21 -0.39 16.67
CA THR A 73 16.32 -1.17 17.64
CA THR A 73 16.25 -1.02 17.58
C THR A 73 15.68 -2.35 16.92
C THR A 73 15.69 -2.30 16.92
N ASP A 74 15.38 -2.23 15.61
CA ASP A 74 14.80 -3.35 14.87
C ASP A 74 15.79 -4.48 14.77
N ARG A 75 17.07 -4.15 14.56
CA ARG A 75 18.10 -5.19 14.47
C ARG A 75 18.18 -5.96 15.81
N GLU A 76 18.13 -5.23 16.91
CA GLU A 76 18.10 -5.81 18.28
C GLU A 76 16.82 -6.66 18.49
N ASP A 77 15.68 -6.13 18.08
CA ASP A 77 14.40 -6.85 18.20
C ASP A 77 14.35 -8.14 17.37
N LEU A 78 14.98 -8.12 16.16
CA LEU A 78 15.04 -9.34 15.31
C LEU A 78 15.86 -10.42 16.05
N ARG A 79 16.90 -10.04 16.75
CA ARG A 79 17.71 -11.00 17.54
C ARG A 79 16.89 -11.54 18.70
N THR A 80 16.12 -10.65 19.38
CA THR A 80 15.27 -10.99 20.50
C THR A 80 14.23 -12.01 20.08
N LEU A 81 13.60 -11.78 18.93
CA LEU A 81 12.55 -12.68 18.45
C LEU A 81 13.10 -14.08 18.11
N LEU A 82 14.35 -14.19 17.63
CA LEU A 82 14.96 -15.49 17.42
C LEU A 82 14.95 -16.29 18.74
N ARG A 83 15.26 -15.60 19.85
CA ARG A 83 15.26 -16.22 21.17
C ARG A 83 13.85 -16.58 21.66
N TYR A 84 12.91 -15.63 21.53
CA TYR A 84 11.54 -15.85 22.04
C TYR A 84 10.85 -17.00 21.29
N TYR A 85 11.16 -17.19 19.97
CA TYR A 85 10.51 -18.22 19.17
C TYR A 85 11.44 -19.47 18.96
N ASN A 86 12.55 -19.55 19.70
CA ASN A 86 13.49 -20.68 19.65
C ASN A 86 13.91 -20.98 18.18
N GLN A 87 14.27 -19.94 17.43
CA GLN A 87 14.64 -20.15 16.01
C GLN A 87 16.16 -20.06 15.80
N SER A 88 16.63 -20.66 14.69
CA SER A 88 18.05 -20.62 14.32
CA SER A 88 18.04 -20.64 14.27
C SER A 88 18.41 -19.24 13.78
N GLU A 89 19.71 -18.90 13.80
CA GLU A 89 20.18 -17.60 13.29
C GLU A 89 20.39 -17.65 11.75
N ALA A 90 20.07 -18.79 11.10
CA ALA A 90 20.25 -19.01 9.66
C ALA A 90 19.17 -18.43 8.72
N GLY A 91 17.92 -18.35 9.15
CA GLY A 91 16.84 -17.86 8.28
C GLY A 91 16.67 -16.35 8.23
N SER A 92 15.97 -15.88 7.18
CA SER A 92 15.58 -14.49 7.00
C SER A 92 14.21 -14.32 7.71
N HIS A 93 14.07 -13.22 8.43
CA HIS A 93 12.86 -12.90 9.17
C HIS A 93 12.46 -11.45 8.91
N THR A 94 11.21 -11.11 9.14
CA THR A 94 10.68 -9.79 8.85
C THR A 94 10.07 -9.19 10.10
N LEU A 95 10.39 -7.90 10.36
CA LEU A 95 9.73 -7.18 11.45
C LEU A 95 8.99 -5.99 10.78
N GLN A 96 7.72 -5.80 11.09
CA GLN A 96 6.94 -4.68 10.52
C GLN A 96 6.28 -3.94 11.66
N ASN A 97 6.22 -2.59 11.54
CA ASN A 97 5.60 -1.72 12.50
C ASN A 97 4.82 -0.68 11.72
N MET A 98 3.62 -0.35 12.22
CA MET A 98 2.85 0.77 11.68
C MET A 98 2.38 1.57 12.89
N TYR A 99 2.39 2.92 12.78
CA TYR A 99 1.77 3.75 13.81
C TYR A 99 1.22 5.00 13.14
N GLY A 100 0.26 5.62 13.79
CA GLY A 100 -0.32 6.82 13.22
C GLY A 100 -1.62 7.22 13.82
N CYS A 101 -2.25 8.19 13.19
CA CYS A 101 -3.49 8.72 13.71
C CYS A 101 -4.47 9.04 12.61
N ASP A 102 -5.75 9.07 12.99
CA ASP A 102 -6.86 9.44 12.09
C ASP A 102 -7.53 10.64 12.71
N VAL A 103 -7.93 11.59 11.88
CA VAL A 103 -8.63 12.78 12.36
C VAL A 103 -9.90 12.96 11.53
N GLY A 104 -10.91 13.60 12.13
CA GLY A 104 -12.14 13.87 11.40
C GLY A 104 -12.05 15.17 10.60
N PRO A 105 -13.18 15.56 9.94
CA PRO A 105 -13.18 16.83 9.17
C PRO A 105 -12.83 18.08 9.98
N ASP A 106 -13.05 18.04 11.30
CA ASP A 106 -12.73 19.11 12.23
C ASP A 106 -11.28 19.02 12.76
N GLY A 107 -10.54 17.98 12.37
CA GLY A 107 -9.17 17.80 12.82
C GLY A 107 -9.03 17.19 14.21
N ARG A 108 -10.16 16.75 14.82
CA ARG A 108 -10.07 16.10 16.13
C ARG A 108 -9.64 14.64 15.95
N LEU A 109 -8.89 14.10 16.91
CA LEU A 109 -8.44 12.71 16.89
C LEU A 109 -9.63 11.75 16.82
N LEU A 110 -9.63 10.84 15.84
CA LEU A 110 -10.66 9.79 15.73
C LEU A 110 -10.12 8.54 16.44
N ARG A 111 -8.83 8.24 16.22
N ARG A 111 -8.87 8.13 16.12
CA ARG A 111 -8.14 7.14 16.88
CA ARG A 111 -8.24 6.93 16.68
C ARG A 111 -6.68 7.11 16.52
C ARG A 111 -6.73 6.92 16.39
N GLY A 112 -5.93 6.37 17.31
CA GLY A 112 -4.50 6.22 17.14
C GLY A 112 -4.17 4.76 16.97
N TYR A 113 -2.98 4.47 16.41
CA TYR A 113 -2.52 3.10 16.15
C TYR A 113 -1.04 2.96 16.45
N HIS A 114 -0.68 1.77 16.88
CA HIS A 114 0.70 1.34 17.04
C HIS A 114 0.68 -0.17 17.09
N GLN A 115 1.24 -0.83 16.06
CA GLN A 115 1.15 -2.27 15.95
C GLN A 115 2.30 -2.85 15.24
N ASP A 116 2.66 -4.04 15.68
CA ASP A 116 3.79 -4.76 15.15
C ASP A 116 3.42 -6.17 14.67
N ALA A 117 4.21 -6.68 13.69
CA ALA A 117 4.06 -8.02 13.19
C ALA A 117 5.43 -8.65 13.00
N TYR A 118 5.52 -9.96 13.19
CA TYR A 118 6.75 -10.72 12.97
C TYR A 118 6.46 -11.80 11.97
N ASP A 119 7.28 -11.83 10.91
CA ASP A 119 7.09 -12.79 9.82
C ASP A 119 5.67 -12.77 9.27
N GLY A 120 5.10 -11.58 9.18
CA GLY A 120 3.78 -11.33 8.60
C GLY A 120 2.58 -11.67 9.45
N LYS A 121 2.80 -12.03 10.71
CA LYS A 121 1.76 -12.38 11.69
C LYS A 121 1.71 -11.33 12.79
N ASP A 122 0.49 -11.03 13.34
CA ASP A 122 0.45 -10.08 14.44
C ASP A 122 1.36 -10.52 15.56
N TYR A 123 2.00 -9.52 16.19
CA TYR A 123 2.89 -9.73 17.32
C TYR A 123 2.26 -9.06 18.53
N ILE A 124 2.21 -7.70 18.54
CA ILE A 124 1.64 -6.94 19.66
C ILE A 124 1.05 -5.67 19.11
N ALA A 125 -0.05 -5.22 19.70
CA ALA A 125 -0.71 -4.04 19.20
C ALA A 125 -1.26 -3.20 20.35
N LEU A 126 -1.12 -1.89 20.22
CA LEU A 126 -1.72 -0.96 21.16
C LEU A 126 -3.23 -0.93 20.87
N ASN A 127 -4.03 -1.11 21.92
CA ASN A 127 -5.48 -1.13 21.74
C ASN A 127 -5.98 0.30 21.46
N GLU A 128 -7.23 0.41 21.00
CA GLU A 128 -7.85 1.68 20.67
C GLU A 128 -7.87 2.66 21.88
N ASP A 129 -7.95 2.11 23.11
CA ASP A 129 -7.87 2.93 24.33
C ASP A 129 -6.55 3.70 24.49
N LEU A 130 -5.46 3.29 23.75
CA LEU A 130 -4.10 3.86 23.83
C LEU A 130 -3.50 3.67 25.26
N SER A 131 -4.01 2.65 25.98
N SER A 131 -3.96 2.64 25.96
CA SER A 131 -3.61 2.41 27.37
CA SER A 131 -3.53 2.39 27.33
C SER A 131 -3.35 0.94 27.70
C SER A 131 -3.16 0.94 27.58
N SER A 132 -3.83 0.02 26.86
CA SER A 132 -3.62 -1.43 27.02
C SER A 132 -3.15 -2.10 25.72
N TRP A 133 -2.65 -3.35 25.84
CA TRP A 133 -2.03 -4.11 24.76
C TRP A 133 -2.75 -5.39 24.45
N THR A 134 -2.69 -5.81 23.18
CA THR A 134 -3.12 -7.12 22.73
C THR A 134 -1.86 -7.82 22.18
N ALA A 135 -1.44 -8.89 22.85
CA ALA A 135 -0.28 -9.76 22.55
C ALA A 135 -0.80 -11.03 21.89
N ALA A 136 -0.21 -11.39 20.73
CA ALA A 136 -0.69 -12.53 19.92
C ALA A 136 -0.40 -13.91 20.51
N ASP A 137 0.60 -13.99 21.39
CA ASP A 137 1.11 -15.28 21.89
C ASP A 137 1.98 -15.10 23.13
N THR A 138 2.56 -16.22 23.66
CA THR A 138 3.34 -16.12 24.88
C THR A 138 4.66 -15.36 24.72
N ALA A 139 5.20 -15.28 23.48
CA ALA A 139 6.40 -14.49 23.20
C ALA A 139 6.05 -13.01 23.26
N ALA A 140 4.95 -12.58 22.61
CA ALA A 140 4.53 -11.19 22.67
C ALA A 140 4.12 -10.76 24.09
N GLN A 141 3.66 -11.72 24.91
CA GLN A 141 3.30 -11.45 26.31
C GLN A 141 4.55 -11.04 27.10
N ILE A 142 5.76 -11.52 26.71
CA ILE A 142 6.99 -11.05 27.36
C ILE A 142 7.21 -9.56 27.06
N THR A 143 7.04 -9.15 25.78
CA THR A 143 7.15 -7.74 25.41
C THR A 143 6.06 -6.92 26.14
N GLN A 144 4.81 -7.43 26.18
CA GLN A 144 3.72 -6.77 26.90
C GLN A 144 4.14 -6.44 28.35
N ARG A 145 4.66 -7.45 29.08
CA ARG A 145 5.15 -7.25 30.44
C ARG A 145 6.23 -6.16 30.53
N LYS A 146 7.22 -6.19 29.61
CA LYS A 146 8.26 -5.17 29.58
C LYS A 146 7.67 -3.78 29.30
N TRP A 147 6.73 -3.69 28.35
CA TRP A 147 6.10 -2.42 27.98
C TRP A 147 5.17 -1.84 29.07
N GLU A 148 4.50 -2.73 29.85
CA GLU A 148 3.64 -2.37 30.98
C GLU A 148 4.53 -1.87 32.11
N ALA A 149 5.70 -2.54 32.34
CA ALA A 149 6.62 -2.02 33.38
C ALA A 149 7.20 -0.65 33.05
N ALA A 150 7.49 -0.39 31.75
CA ALA A 150 8.09 0.84 31.24
C ALA A 150 7.05 1.93 30.92
N ARG A 151 5.73 1.64 31.10
CA ARG A 151 4.64 2.59 30.80
C ARG A 151 4.78 3.15 29.35
N VAL A 152 5.00 2.23 28.38
CA VAL A 152 5.17 2.55 26.95
C VAL A 152 3.88 3.13 26.39
N ALA A 153 2.73 2.52 26.75
CA ALA A 153 1.42 2.99 26.30
C ALA A 153 1.20 4.47 26.61
N GLU A 154 1.63 4.95 27.82
CA GLU A 154 1.44 6.36 28.18
C GLU A 154 2.23 7.27 27.27
N GLN A 155 3.47 6.89 26.91
CA GLN A 155 4.36 7.62 26.01
C GLN A 155 3.74 7.65 24.62
N LEU A 156 3.24 6.52 24.14
CA LEU A 156 2.59 6.45 22.82
C LEU A 156 1.36 7.28 22.78
N ARG A 157 0.52 7.15 23.81
CA ARG A 157 -0.71 7.94 23.86
C ARG A 157 -0.39 9.46 23.72
N ALA A 158 0.65 9.94 24.43
CA ALA A 158 0.99 11.38 24.41
C ALA A 158 1.37 11.82 22.99
N TYR A 159 2.12 10.97 22.27
CA TYR A 159 2.53 11.29 20.89
C TYR A 159 1.34 11.23 19.95
N LEU A 160 0.53 10.17 20.04
CA LEU A 160 -0.60 9.99 19.13
C LEU A 160 -1.69 11.07 19.27
N GLU A 161 -1.91 11.55 20.50
CA GLU A 161 -2.90 12.57 20.78
C GLU A 161 -2.35 13.98 20.58
N GLY A 162 -1.02 14.14 20.61
CA GLY A 162 -0.35 15.44 20.54
C GLY A 162 0.26 15.72 19.17
N GLU A 163 1.54 15.43 19.05
CA GLU A 163 2.34 15.65 17.82
C GLU A 163 1.72 15.00 16.59
N CYS A 164 1.30 13.74 16.69
CA CYS A 164 0.70 13.08 15.53
C CYS A 164 -0.45 13.88 14.95
N VAL A 165 -1.42 14.29 15.80
CA VAL A 165 -2.57 15.05 15.28
C VAL A 165 -2.17 16.47 14.84
N GLU A 166 -1.26 17.13 15.60
N GLU A 166 -1.27 17.14 15.59
CA GLU A 166 -0.81 18.49 15.35
CA GLU A 166 -0.88 18.51 15.27
C GLU A 166 -0.10 18.58 14.00
C GLU A 166 -0.13 18.58 13.95
N TRP A 167 0.83 17.65 13.73
CA TRP A 167 1.59 17.67 12.49
C TRP A 167 0.75 17.21 11.32
N LEU A 168 -0.20 16.28 11.53
CA LEU A 168 -1.11 15.91 10.45
C LEU A 168 -1.90 17.16 10.03
N ARG A 169 -2.39 17.94 11.01
CA ARG A 169 -3.13 19.18 10.73
C ARG A 169 -2.24 20.15 9.94
N ARG A 170 -0.98 20.33 10.38
CA ARG A 170 0.00 21.19 9.71
C ARG A 170 0.19 20.78 8.23
N TYR A 171 0.47 19.47 7.99
CA TYR A 171 0.65 18.92 6.63
C TYR A 171 -0.60 19.14 5.77
N LEU A 172 -1.79 18.93 6.34
CA LEU A 172 -3.05 19.09 5.59
C LEU A 172 -3.24 20.52 5.13
N GLU A 173 -2.82 21.50 5.95
CA GLU A 173 -2.94 22.90 5.56
C GLU A 173 -1.85 23.20 4.53
N ASN A 174 -0.58 22.81 4.77
CA ASN A 174 0.52 23.08 3.82
C ASN A 174 0.31 22.40 2.45
N GLY A 175 -0.36 21.25 2.45
CA GLY A 175 -0.67 20.51 1.24
C GLY A 175 -2.12 20.56 0.81
N LYS A 176 -2.90 21.60 1.24
CA LYS A 176 -4.34 21.71 0.98
C LYS A 176 -4.71 21.57 -0.52
N GLU A 177 -3.87 22.07 -1.45
CA GLU A 177 -4.09 21.98 -2.89
C GLU A 177 -4.31 20.53 -3.39
N THR A 178 -3.52 19.57 -2.82
CA THR A 178 -3.54 18.16 -3.23
C THR A 178 -4.20 17.26 -2.17
N LEU A 179 -3.77 17.39 -0.93
CA LEU A 179 -4.28 16.56 0.18
C LEU A 179 -5.78 16.74 0.46
N GLN A 180 -6.30 17.96 0.25
CA GLN A 180 -7.70 18.26 0.50
C GLN A 180 -8.53 18.36 -0.83
N ARG A 181 -8.01 17.72 -1.89
CA ARG A 181 -8.69 17.66 -3.17
C ARG A 181 -8.97 16.21 -3.49
N ALA A 182 -10.22 15.91 -3.74
CA ALA A 182 -10.67 14.57 -4.15
C ALA A 182 -10.89 14.64 -5.64
N ASP A 183 -10.23 13.74 -6.41
CA ASP A 183 -10.43 13.60 -7.83
C ASP A 183 -11.46 12.51 -8.06
N PRO A 184 -12.63 12.85 -8.62
CA PRO A 184 -13.63 11.81 -8.87
C PRO A 184 -13.18 10.86 -9.96
N PRO A 185 -13.74 9.63 -9.95
CA PRO A 185 -13.38 8.69 -11.01
C PRO A 185 -13.98 9.07 -12.35
N LYS A 186 -13.22 8.78 -13.40
CA LYS A 186 -13.62 8.85 -14.81
C LYS A 186 -14.16 7.43 -15.07
N THR A 187 -15.44 7.35 -15.42
CA THR A 187 -16.09 6.05 -15.53
C THR A 187 -16.64 5.74 -16.91
N HIS A 188 -16.57 4.44 -17.25
CA HIS A 188 -17.13 3.93 -18.50
C HIS A 188 -17.32 2.42 -18.41
N VAL A 189 -18.20 1.90 -19.26
CA VAL A 189 -18.47 0.47 -19.36
C VAL A 189 -18.01 -0.06 -20.71
N THR A 190 -17.21 -1.14 -20.69
CA THR A 190 -16.81 -1.82 -21.92
C THR A 190 -17.52 -3.17 -22.04
N HIS A 191 -17.66 -3.66 -23.29
CA HIS A 191 -18.33 -4.93 -23.62
C HIS A 191 -17.31 -5.82 -24.33
N HIS A 192 -17.21 -7.09 -23.89
CA HIS A 192 -16.25 -8.02 -24.48
C HIS A 192 -16.94 -9.37 -24.74
N PRO A 193 -17.36 -9.71 -26.00
CA PRO A 193 -17.99 -11.03 -26.23
C PRO A 193 -17.03 -12.18 -25.90
N ILE A 194 -17.51 -13.17 -25.13
CA ILE A 194 -16.78 -14.35 -24.68
C ILE A 194 -17.07 -15.48 -25.66
N SER A 195 -18.33 -15.57 -26.10
CA SER A 195 -18.83 -16.61 -26.99
C SER A 195 -20.09 -16.10 -27.68
N ASP A 196 -20.81 -17.00 -28.40
CA ASP A 196 -22.06 -16.64 -29.04
C ASP A 196 -23.13 -16.31 -28.00
N HIS A 197 -23.03 -16.88 -26.78
CA HIS A 197 -24.09 -16.72 -25.79
C HIS A 197 -23.78 -15.83 -24.58
N GLU A 198 -22.56 -15.31 -24.44
CA GLU A 198 -22.29 -14.42 -23.32
C GLU A 198 -21.17 -13.43 -23.61
N ALA A 199 -21.17 -12.35 -22.82
CA ALA A 199 -20.19 -11.28 -22.96
C ALA A 199 -19.79 -10.75 -21.62
N THR A 200 -18.65 -10.07 -21.56
CA THR A 200 -18.22 -9.43 -20.32
C THR A 200 -18.56 -7.97 -20.38
N LEU A 201 -19.15 -7.46 -19.29
CA LEU A 201 -19.35 -6.02 -19.09
C LEU A 201 -18.36 -5.68 -17.99
N ARG A 202 -17.49 -4.72 -18.26
CA ARG A 202 -16.48 -4.24 -17.31
C ARG A 202 -16.75 -2.81 -17.05
N CYS A 203 -16.94 -2.50 -15.79
CA CYS A 203 -17.15 -1.17 -15.34
C CYS A 203 -15.84 -0.59 -14.83
N TRP A 204 -15.37 0.49 -15.45
CA TRP A 204 -14.10 1.12 -15.11
C TRP A 204 -14.22 2.38 -14.27
N ALA A 205 -13.24 2.58 -13.40
CA ALA A 205 -13.06 3.81 -12.63
C ALA A 205 -11.57 4.13 -12.72
N LEU A 206 -11.29 5.32 -13.24
CA LEU A 206 -9.93 5.77 -13.47
C LEU A 206 -9.68 7.17 -12.97
N GLY A 207 -8.42 7.45 -12.66
CA GLY A 207 -8.00 8.80 -12.28
C GLY A 207 -8.56 9.34 -10.99
N PHE A 208 -8.91 8.44 -10.05
CA PHE A 208 -9.51 8.94 -8.80
C PHE A 208 -8.52 9.04 -7.64
N TYR A 209 -8.84 9.92 -6.70
CA TYR A 209 -8.07 10.12 -5.48
C TYR A 209 -9.05 10.64 -4.43
N PRO A 210 -9.04 10.10 -3.19
CA PRO A 210 -8.19 9.02 -2.63
C PRO A 210 -8.55 7.65 -3.19
N ALA A 211 -7.82 6.60 -2.73
CA ALA A 211 -8.02 5.23 -3.24
C ALA A 211 -9.37 4.61 -2.94
N GLU A 212 -10.00 4.97 -1.80
CA GLU A 212 -11.28 4.41 -1.34
C GLU A 212 -12.38 4.62 -2.37
N ILE A 213 -13.05 3.52 -2.78
CA ILE A 213 -14.12 3.56 -3.79
C ILE A 213 -14.97 2.31 -3.65
N THR A 214 -16.24 2.39 -4.10
CA THR A 214 -17.11 1.22 -4.11
C THR A 214 -17.61 1.11 -5.54
N LEU A 215 -17.39 -0.04 -6.16
CA LEU A 215 -17.80 -0.34 -7.55
C LEU A 215 -18.62 -1.61 -7.48
N THR A 216 -19.89 -1.57 -7.90
CA THR A 216 -20.71 -2.77 -7.87
C THR A 216 -21.59 -2.90 -9.08
N TRP A 217 -21.98 -4.13 -9.39
CA TRP A 217 -22.91 -4.40 -10.46
C TRP A 217 -24.20 -4.93 -9.86
N GLN A 218 -25.33 -4.51 -10.43
CA GLN A 218 -26.64 -5.03 -10.06
C GLN A 218 -27.27 -5.62 -11.31
N ARG A 219 -28.14 -6.64 -11.14
CA ARG A 219 -28.95 -7.26 -12.20
C ARG A 219 -30.41 -7.07 -11.71
N ASP A 220 -31.27 -6.43 -12.55
CA ASP A 220 -32.66 -6.07 -12.19
C ASP A 220 -32.76 -5.36 -10.80
N GLY A 221 -31.72 -4.57 -10.45
CA GLY A 221 -31.67 -3.85 -9.17
C GLY A 221 -31.16 -4.63 -7.97
N GLU A 222 -30.72 -5.89 -8.18
CA GLU A 222 -30.19 -6.79 -7.14
C GLU A 222 -28.65 -6.88 -7.25
N ASP A 223 -27.94 -6.59 -6.14
CA ASP A 223 -26.47 -6.68 -6.08
C ASP A 223 -25.98 -8.08 -6.53
N GLN A 224 -24.96 -8.11 -7.41
CA GLN A 224 -24.38 -9.33 -7.95
C GLN A 224 -23.02 -9.64 -7.29
N THR A 225 -22.98 -9.60 -5.94
CA THR A 225 -21.76 -9.80 -5.15
C THR A 225 -21.00 -11.06 -5.55
N GLN A 226 -21.67 -12.23 -5.55
CA GLN A 226 -21.04 -13.49 -5.90
C GLN A 226 -20.51 -13.56 -7.32
N ASP A 227 -21.23 -12.97 -8.29
CA ASP A 227 -20.88 -13.03 -9.70
C ASP A 227 -20.04 -11.88 -10.24
N THR A 228 -19.64 -10.94 -9.39
CA THR A 228 -18.79 -9.83 -9.83
C THR A 228 -17.32 -10.13 -9.58
N GLU A 229 -16.47 -9.95 -10.63
CA GLU A 229 -15.03 -10.07 -10.54
C GLU A 229 -14.55 -8.64 -10.26
N LEU A 230 -13.96 -8.43 -9.09
CA LEU A 230 -13.53 -7.12 -8.61
C LEU A 230 -12.02 -7.11 -8.38
N VAL A 231 -11.26 -6.37 -9.22
CA VAL A 231 -9.79 -6.30 -9.05
C VAL A 231 -9.44 -5.35 -7.91
N GLU A 232 -8.32 -5.61 -7.27
CA GLU A 232 -7.85 -4.77 -6.20
C GLU A 232 -7.59 -3.36 -6.77
N THR A 233 -7.96 -2.31 -6.00
CA THR A 233 -7.65 -0.92 -6.38
C THR A 233 -6.10 -0.81 -6.61
N ARG A 234 -5.72 -0.17 -7.71
CA ARG A 234 -4.31 -0.14 -8.13
C ARG A 234 -3.81 1.27 -8.46
N PRO A 235 -2.54 1.56 -8.15
CA PRO A 235 -2.03 2.91 -8.40
C PRO A 235 -1.71 3.15 -9.88
N ALA A 236 -2.07 4.33 -10.43
CA ALA A 236 -1.74 4.61 -11.82
C ALA A 236 -0.29 5.10 -12.00
N GLY A 237 0.28 5.68 -10.93
CA GLY A 237 1.64 6.24 -10.90
C GLY A 237 1.70 7.76 -10.97
N ASP A 238 0.54 8.45 -11.11
CA ASP A 238 0.42 9.93 -11.21
C ASP A 238 -0.34 10.50 -9.98
N ARG A 239 -0.40 9.70 -8.91
CA ARG A 239 -1.10 9.91 -7.62
C ARG A 239 -2.47 9.27 -7.58
N THR A 240 -3.06 9.01 -8.76
CA THR A 240 -4.42 8.50 -8.83
C THR A 240 -4.48 6.96 -8.80
N PHE A 241 -5.69 6.46 -8.66
CA PHE A 241 -5.94 5.03 -8.62
C PHE A 241 -6.90 4.60 -9.72
N GLN A 242 -6.99 3.27 -9.88
CA GLN A 242 -7.85 2.62 -10.86
C GLN A 242 -8.50 1.41 -10.25
N LYS A 243 -9.67 1.03 -10.79
CA LYS A 243 -10.35 -0.17 -10.37
C LYS A 243 -11.36 -0.54 -11.43
N TRP A 244 -11.65 -1.84 -11.56
CA TRP A 244 -12.73 -2.29 -12.43
C TRP A 244 -13.48 -3.46 -11.80
N ALA A 245 -14.74 -3.62 -12.20
CA ALA A 245 -15.60 -4.70 -11.80
C ALA A 245 -16.21 -5.27 -13.05
N ALA A 246 -16.20 -6.59 -13.18
CA ALA A 246 -16.75 -7.25 -14.36
C ALA A 246 -17.77 -8.28 -14.04
N VAL A 247 -18.75 -8.42 -14.95
CA VAL A 247 -19.78 -9.45 -14.86
C VAL A 247 -19.93 -10.13 -16.21
N VAL A 248 -20.25 -11.44 -16.19
CA VAL A 248 -20.52 -12.22 -17.39
C VAL A 248 -22.05 -12.13 -17.61
N VAL A 249 -22.43 -11.56 -18.75
N VAL A 249 -22.43 -11.56 -18.76
CA VAL A 249 -23.83 -11.34 -19.08
CA VAL A 249 -23.81 -11.26 -19.13
C VAL A 249 -24.28 -12.17 -20.29
C VAL A 249 -24.30 -12.13 -20.32
N PRO A 250 -25.49 -12.79 -20.24
CA PRO A 250 -26.00 -13.52 -21.41
C PRO A 250 -26.34 -12.51 -22.52
N SER A 251 -26.02 -12.88 -23.78
CA SER A 251 -26.27 -12.06 -24.97
C SER A 251 -27.68 -11.47 -24.94
N GLY A 252 -27.78 -10.19 -25.27
CA GLY A 252 -29.05 -9.50 -25.30
C GLY A 252 -29.58 -9.01 -23.95
N GLU A 253 -29.02 -9.50 -22.81
CA GLU A 253 -29.50 -9.07 -21.48
C GLU A 253 -28.70 -7.91 -20.86
N GLU A 254 -27.87 -7.21 -21.65
CA GLU A 254 -27.01 -6.15 -21.13
C GLU A 254 -27.74 -5.02 -20.39
N GLN A 255 -28.99 -4.73 -20.79
CA GLN A 255 -29.71 -3.62 -20.16
C GLN A 255 -30.28 -3.96 -18.80
N ARG A 256 -30.19 -5.23 -18.34
CA ARG A 256 -30.63 -5.62 -17.01
C ARG A 256 -29.56 -5.28 -15.97
N TYR A 257 -28.34 -4.99 -16.45
CA TYR A 257 -27.18 -4.72 -15.61
C TYR A 257 -26.86 -3.25 -15.48
N THR A 258 -26.59 -2.83 -14.24
CA THR A 258 -26.22 -1.46 -13.94
C THR A 258 -25.01 -1.40 -13.02
N CYS A 259 -24.10 -0.49 -13.29
CA CYS A 259 -22.92 -0.32 -12.47
C CYS A 259 -23.10 0.86 -11.55
N HIS A 260 -22.79 0.65 -10.26
CA HIS A 260 -22.92 1.67 -9.23
C HIS A 260 -21.55 2.07 -8.71
N VAL A 261 -21.32 3.38 -8.64
CA VAL A 261 -20.00 3.93 -8.24
C VAL A 261 -20.13 4.91 -7.12
N GLN A 262 -19.45 4.64 -5.97
CA GLN A 262 -19.40 5.55 -4.83
C GLN A 262 -17.96 6.04 -4.66
N HIS A 263 -17.77 7.36 -4.54
CA HIS A 263 -16.45 7.95 -4.30
C HIS A 263 -16.61 9.30 -3.61
N GLU A 264 -15.67 9.66 -2.71
CA GLU A 264 -15.65 10.94 -2.00
C GLU A 264 -15.76 12.13 -2.97
N GLY A 265 -15.12 12.05 -4.14
CA GLY A 265 -15.17 13.08 -5.16
C GLY A 265 -16.52 13.20 -5.83
N LEU A 266 -17.43 12.22 -5.63
CA LEU A 266 -18.79 12.27 -6.18
C LEU A 266 -19.82 12.77 -5.15
N PRO A 267 -20.52 13.89 -5.48
CA PRO A 267 -21.61 14.39 -4.59
C PRO A 267 -22.75 13.37 -4.39
N LYS A 268 -23.02 12.57 -5.43
CA LYS A 268 -24.04 11.54 -5.44
C LYS A 268 -23.51 10.26 -6.12
N PRO A 269 -23.84 9.05 -5.62
CA PRO A 269 -23.39 7.84 -6.33
C PRO A 269 -23.90 7.79 -7.76
N LEU A 270 -23.03 7.32 -8.70
CA LEU A 270 -23.36 7.22 -10.12
C LEU A 270 -23.90 5.86 -10.50
N THR A 271 -24.72 5.82 -11.55
CA THR A 271 -25.29 4.63 -12.19
C THR A 271 -24.89 4.70 -13.66
N LEU A 272 -24.28 3.61 -14.17
CA LEU A 272 -23.80 3.45 -15.55
C LEU A 272 -24.37 2.20 -16.15
N ARG A 273 -24.50 2.22 -17.47
CA ARG A 273 -24.94 1.08 -18.26
C ARG A 273 -24.09 1.01 -19.50
N TRP A 274 -24.00 -0.19 -20.10
CA TRP A 274 -23.33 -0.43 -21.38
C TRP A 274 -24.20 0.31 -22.39
N GLU A 275 -23.63 1.31 -23.09
CA GLU A 275 -24.44 2.15 -23.98
C GLU A 275 -24.82 1.46 -25.34
N PRO A 276 -23.90 1.06 -26.27
CA PRO A 276 -24.38 0.46 -27.53
C PRO A 276 -24.79 -1.03 -27.41
N ILE B 1 4.75 -19.47 7.14
CA ILE B 1 3.54 -19.06 6.42
C ILE B 1 3.87 -17.97 5.39
N GLN B 2 3.52 -18.22 4.12
CA GLN B 2 3.85 -17.30 3.03
C GLN B 2 2.63 -17.00 2.17
N ARG B 3 2.60 -15.81 1.54
CA ARG B 3 1.50 -15.40 0.67
C ARG B 3 2.01 -15.07 -0.71
N THR B 4 1.37 -15.64 -1.72
CA THR B 4 1.79 -15.49 -3.09
C THR B 4 1.34 -14.13 -3.65
N PRO B 5 2.13 -13.46 -4.50
CA PRO B 5 1.66 -12.17 -5.02
C PRO B 5 0.47 -12.23 -5.98
N LYS B 6 -0.38 -11.21 -5.85
CA LYS B 6 -1.42 -10.93 -6.84
C LYS B 6 -0.63 -10.05 -7.85
N ILE B 7 -0.98 -10.14 -9.14
CA ILE B 7 -0.27 -9.41 -10.19
C ILE B 7 -1.27 -8.75 -11.11
N GLN B 8 -1.05 -7.47 -11.40
CA GLN B 8 -1.85 -6.71 -12.38
C GLN B 8 -0.91 -5.93 -13.30
N VAL B 9 -1.13 -6.07 -14.62
CA VAL B 9 -0.37 -5.39 -15.66
C VAL B 9 -1.32 -4.46 -16.41
N TYR B 10 -0.97 -3.18 -16.50
CA TYR B 10 -1.86 -2.17 -17.04
C TYR B 10 -1.14 -0.88 -17.36
N SER B 11 -1.82 0.04 -18.06
CA SER B 11 -1.28 1.33 -18.39
C SER B 11 -1.84 2.44 -17.52
N ARG B 12 -1.03 3.49 -17.33
CA ARG B 12 -1.41 4.64 -16.53
C ARG B 12 -2.63 5.35 -17.10
N HIS B 13 -2.57 5.63 -18.43
CA HIS B 13 -3.63 6.30 -19.17
C HIS B 13 -4.21 5.26 -20.17
N PRO B 14 -5.47 5.41 -20.69
CA PRO B 14 -5.97 4.43 -21.67
C PRO B 14 -5.03 4.38 -22.88
N ALA B 15 -4.75 3.16 -23.39
CA ALA B 15 -3.78 2.99 -24.46
C ALA B 15 -4.25 3.46 -25.81
N GLU B 16 -3.39 4.22 -26.48
CA GLU B 16 -3.54 4.75 -27.83
C GLU B 16 -2.21 4.50 -28.55
N ASN B 17 -2.24 3.70 -29.64
CA ASN B 17 -1.05 3.39 -30.45
C ASN B 17 -0.36 4.67 -30.92
N GLY B 18 0.94 4.74 -30.68
CA GLY B 18 1.76 5.89 -31.06
C GLY B 18 1.84 7.01 -30.04
N LYS B 19 1.07 6.92 -28.93
CA LYS B 19 1.08 7.94 -27.87
C LYS B 19 1.84 7.42 -26.65
N SER B 20 2.72 8.27 -26.08
CA SER B 20 3.52 7.95 -24.89
C SER B 20 2.60 7.66 -23.68
N ASN B 21 2.99 6.69 -22.83
CA ASN B 21 2.19 6.26 -21.68
C ASN B 21 3.16 5.64 -20.66
N PHE B 22 2.61 5.02 -19.61
CA PHE B 22 3.41 4.29 -18.63
C PHE B 22 2.84 2.90 -18.51
N LEU B 23 3.75 1.91 -18.47
CA LEU B 23 3.38 0.51 -18.30
C LEU B 23 3.65 0.18 -16.86
N ASN B 24 2.64 -0.38 -16.19
CA ASN B 24 2.69 -0.69 -14.76
C ASN B 24 2.53 -2.16 -14.50
N CYS B 25 3.28 -2.63 -13.53
CA CYS B 25 3.05 -3.96 -12.98
C CYS B 25 2.93 -3.80 -11.47
N TYR B 26 1.71 -4.03 -10.96
CA TYR B 26 1.44 -3.89 -9.51
C TYR B 26 1.43 -5.28 -8.91
N VAL B 27 2.29 -5.50 -7.96
CA VAL B 27 2.35 -6.79 -7.23
C VAL B 27 1.93 -6.52 -5.80
N SER B 28 1.05 -7.35 -5.28
CA SER B 28 0.49 -7.07 -3.94
C SER B 28 0.11 -8.33 -3.19
N GLY B 29 -0.21 -8.17 -1.91
CA GLY B 29 -0.69 -9.27 -1.09
C GLY B 29 0.31 -10.38 -0.80
N PHE B 30 1.61 -10.06 -0.92
CA PHE B 30 2.64 -11.09 -0.74
C PHE B 30 3.44 -10.99 0.53
N HIS B 31 3.96 -12.14 0.98
CA HIS B 31 4.83 -12.27 2.13
C HIS B 31 5.68 -13.53 1.90
N PRO B 32 7.01 -13.49 2.09
CA PRO B 32 7.87 -12.36 2.52
C PRO B 32 8.03 -11.28 1.44
N SER B 33 8.78 -10.20 1.73
CA SER B 33 8.87 -9.06 0.82
C SER B 33 9.81 -9.24 -0.36
N ASP B 34 10.79 -10.16 -0.29
CA ASP B 34 11.70 -10.31 -1.44
C ASP B 34 10.91 -10.80 -2.65
N ILE B 35 11.11 -10.13 -3.79
CA ILE B 35 10.37 -10.44 -4.99
C ILE B 35 11.19 -9.95 -6.19
N GLU B 36 11.09 -10.66 -7.32
CA GLU B 36 11.77 -10.25 -8.55
C GLU B 36 10.68 -9.94 -9.57
N VAL B 37 10.71 -8.72 -10.11
CA VAL B 37 9.71 -8.25 -11.07
C VAL B 37 10.42 -7.68 -12.28
N ASP B 38 10.06 -8.19 -13.48
CA ASP B 38 10.57 -7.70 -14.76
C ASP B 38 9.43 -7.29 -15.65
N LEU B 39 9.63 -6.23 -16.41
CA LEU B 39 8.70 -5.81 -17.44
C LEU B 39 9.32 -6.29 -18.75
N LEU B 40 8.53 -6.92 -19.60
CA LEU B 40 9.02 -7.46 -20.87
C LEU B 40 8.41 -6.75 -22.09
N LYS B 41 9.20 -6.57 -23.16
CA LYS B 41 8.80 -6.02 -24.45
C LYS B 41 9.17 -7.08 -25.45
N ASN B 42 8.14 -7.74 -26.04
CA ASN B 42 8.29 -8.84 -27.01
C ASN B 42 9.16 -9.97 -26.41
N GLY B 43 8.83 -10.34 -25.17
CA GLY B 43 9.51 -11.38 -24.40
C GLY B 43 10.87 -11.04 -23.80
N GLU B 44 11.41 -9.84 -24.09
CA GLU B 44 12.71 -9.40 -23.55
C GLU B 44 12.60 -8.37 -22.40
N ARG B 45 13.50 -8.46 -21.41
CA ARG B 45 13.53 -7.53 -20.27
C ARG B 45 13.81 -6.07 -20.64
N ILE B 46 12.94 -5.17 -20.18
CA ILE B 46 13.06 -3.73 -20.37
C ILE B 46 14.07 -3.25 -19.32
N GLU B 47 15.02 -2.43 -19.75
CA GLU B 47 16.10 -1.96 -18.90
C GLU B 47 15.71 -0.83 -17.97
N LYS B 48 15.04 0.21 -18.46
CA LYS B 48 14.72 1.35 -17.59
C LYS B 48 13.46 1.03 -16.75
N VAL B 49 13.62 0.26 -15.64
CA VAL B 49 12.43 -0.06 -14.84
C VAL B 49 12.62 0.42 -13.40
N GLU B 50 11.73 1.33 -12.96
CA GLU B 50 11.74 1.87 -11.61
C GLU B 50 10.69 1.17 -10.77
N HIS B 51 10.78 1.30 -9.44
CA HIS B 51 9.76 0.74 -8.56
C HIS B 51 9.51 1.65 -7.37
N SER B 52 8.33 1.51 -6.77
CA SER B 52 7.93 2.25 -5.58
C SER B 52 8.70 1.72 -4.37
N ASP B 53 8.69 2.48 -3.26
CA ASP B 53 9.31 2.02 -2.02
C ASP B 53 8.37 1.04 -1.34
N LEU B 54 8.98 -0.01 -0.77
CA LEU B 54 8.26 -1.08 -0.08
C LEU B 54 7.32 -0.56 0.97
N SER B 55 6.06 -0.94 0.84
CA SER B 55 5.05 -0.58 1.84
C SER B 55 4.14 -1.78 2.03
N PHE B 56 3.20 -1.68 2.96
CA PHE B 56 2.35 -2.83 3.24
C PHE B 56 0.94 -2.42 3.59
N SER B 57 0.02 -3.38 3.44
CA SER B 57 -1.41 -3.18 3.68
C SER B 57 -1.78 -3.42 5.16
N LYS B 58 -3.06 -3.22 5.54
CA LYS B 58 -3.50 -3.45 6.92
C LYS B 58 -3.24 -4.89 7.37
N ASP B 59 -3.33 -5.87 6.46
CA ASP B 59 -3.14 -7.26 6.80
C ASP B 59 -1.66 -7.66 6.77
N TRP B 60 -0.75 -6.65 6.70
CA TRP B 60 0.73 -6.80 6.69
C TRP B 60 1.29 -7.28 5.36
N SER B 61 0.43 -7.65 4.39
CA SER B 61 0.99 -8.11 3.12
C SER B 61 1.61 -6.95 2.32
N PHE B 62 2.65 -7.25 1.58
CA PHE B 62 3.41 -6.21 0.85
C PHE B 62 2.86 -5.88 -0.49
N TYR B 63 3.18 -4.66 -0.96
CA TYR B 63 2.85 -4.24 -2.34
C TYR B 63 3.94 -3.37 -2.94
N LEU B 64 4.07 -3.48 -4.24
CA LEU B 64 5.03 -2.73 -5.02
C LEU B 64 4.46 -2.38 -6.36
N LEU B 65 4.83 -1.22 -6.89
CA LEU B 65 4.54 -0.82 -8.24
C LEU B 65 5.85 -0.75 -9.02
N TYR B 66 5.92 -1.46 -10.16
CA TYR B 66 7.05 -1.44 -11.08
C TYR B 66 6.56 -0.72 -12.31
N TYR B 67 7.35 0.20 -12.87
CA TYR B 67 6.81 1.00 -13.98
C TYR B 67 7.87 1.48 -14.95
N THR B 68 7.45 1.73 -16.20
CA THR B 68 8.34 2.27 -17.24
C THR B 68 7.57 3.10 -18.26
N GLU B 69 8.24 4.10 -18.84
CA GLU B 69 7.61 4.90 -19.90
C GLU B 69 7.67 4.08 -21.20
N PHE B 70 6.58 4.03 -21.94
CA PHE B 70 6.46 3.25 -23.18
C PHE B 70 5.49 3.89 -24.15
N THR B 71 5.69 3.59 -25.45
CA THR B 71 4.81 4.04 -26.52
C THR B 71 4.16 2.78 -27.12
N PRO B 72 2.91 2.45 -26.71
CA PRO B 72 2.26 1.24 -27.22
C PRO B 72 2.00 1.28 -28.72
N THR B 73 2.04 0.10 -29.35
CA THR B 73 1.79 -0.08 -30.78
C THR B 73 0.93 -1.33 -30.94
N GLU B 74 0.47 -1.62 -32.17
CA GLU B 74 -0.34 -2.79 -32.48
C GLU B 74 0.47 -4.07 -32.36
N LYS B 75 1.71 -4.06 -32.89
CA LYS B 75 2.59 -5.22 -32.91
C LYS B 75 3.19 -5.58 -31.54
N ASP B 76 3.76 -4.60 -30.83
CA ASP B 76 4.50 -4.79 -29.58
C ASP B 76 3.67 -5.39 -28.47
N GLU B 77 4.17 -6.51 -27.93
CA GLU B 77 3.57 -7.28 -26.83
C GLU B 77 4.33 -6.95 -25.54
N TYR B 78 3.59 -6.65 -24.47
CA TYR B 78 4.19 -6.33 -23.16
C TYR B 78 3.69 -7.30 -22.12
N ALA B 79 4.54 -7.58 -21.11
CA ALA B 79 4.20 -8.49 -20.03
C ALA B 79 4.95 -8.15 -18.77
N CYS B 80 4.56 -8.82 -17.69
CA CYS B 80 5.25 -8.69 -16.42
C CYS B 80 5.59 -10.09 -15.95
N ARG B 81 6.85 -10.26 -15.54
CA ARG B 81 7.37 -11.53 -15.07
C ARG B 81 7.73 -11.41 -13.61
N VAL B 82 7.14 -12.27 -12.80
CA VAL B 82 7.31 -12.24 -11.36
C VAL B 82 7.84 -13.56 -10.83
N ASN B 83 8.84 -13.49 -9.96
CA ASN B 83 9.30 -14.64 -9.19
C ASN B 83 9.25 -14.29 -7.70
N HIS B 84 8.95 -15.31 -6.88
CA HIS B 84 8.80 -15.19 -5.44
C HIS B 84 8.97 -16.59 -4.89
N VAL B 85 9.32 -16.70 -3.61
N VAL B 85 9.34 -16.73 -3.61
CA VAL B 85 9.58 -17.98 -2.93
CA VAL B 85 9.57 -18.04 -2.97
C VAL B 85 8.37 -18.96 -3.00
C VAL B 85 8.36 -18.98 -3.19
N THR B 86 7.12 -18.44 -3.12
CA THR B 86 5.90 -19.23 -3.28
C THR B 86 5.69 -19.79 -4.70
N LEU B 87 6.43 -19.26 -5.70
CA LEU B 87 6.32 -19.67 -7.10
C LEU B 87 7.45 -20.64 -7.46
N SER B 88 7.09 -21.81 -8.02
CA SER B 88 8.07 -22.82 -8.44
C SER B 88 8.78 -22.40 -9.71
N GLN B 89 8.13 -21.50 -10.47
CA GLN B 89 8.65 -20.94 -11.72
C GLN B 89 8.17 -19.48 -11.89
N PRO B 90 8.89 -18.61 -12.67
CA PRO B 90 8.40 -17.23 -12.86
C PRO B 90 7.03 -17.19 -13.53
N LYS B 91 6.12 -16.39 -12.95
CA LYS B 91 4.77 -16.25 -13.50
C LYS B 91 4.78 -15.07 -14.46
N ILE B 92 4.29 -15.26 -15.69
CA ILE B 92 4.22 -14.20 -16.67
C ILE B 92 2.76 -13.83 -16.92
N VAL B 93 2.43 -12.55 -16.75
CA VAL B 93 1.09 -12.01 -16.98
C VAL B 93 1.23 -11.03 -18.15
N LYS B 94 0.51 -11.29 -19.25
CA LYS B 94 0.55 -10.45 -20.43
C LYS B 94 -0.26 -9.17 -20.22
N TRP B 95 0.18 -8.07 -20.85
CA TRP B 95 -0.58 -6.83 -20.81
C TRP B 95 -1.75 -6.93 -21.82
N ASP B 96 -2.97 -6.70 -21.35
CA ASP B 96 -4.19 -6.71 -22.15
C ASP B 96 -4.80 -5.32 -21.94
N ARG B 97 -4.83 -4.47 -22.97
CA ARG B 97 -5.34 -3.09 -22.87
C ARG B 97 -6.78 -2.96 -22.36
N ASP B 98 -7.53 -4.07 -22.35
CA ASP B 98 -8.93 -4.20 -21.91
C ASP B 98 -9.02 -4.63 -20.44
N MET B 99 -7.87 -4.72 -19.77
CA MET B 99 -7.78 -5.11 -18.36
C MET B 99 -6.83 -4.18 -17.61
N LEU C 1 5.37 14.06 11.24
CA LEU C 1 6.46 14.13 12.21
C LEU C 1 6.51 12.78 12.99
N ARG C 2 7.65 12.09 12.95
CA ARG C 2 7.85 10.77 13.60
C ARG C 2 7.87 10.87 15.11
N ASN C 3 7.54 9.72 15.74
CA ASN C 3 7.65 9.61 17.20
C ASN C 3 9.15 9.35 17.48
N GLN C 4 9.72 10.18 18.39
CA GLN C 4 11.13 10.11 18.75
C GLN C 4 11.41 8.97 19.73
N SER C 5 10.38 8.48 20.42
CA SER C 5 10.52 7.39 21.40
C SER C 5 11.09 6.09 20.86
N VAL C 6 11.98 5.47 21.66
CA VAL C 6 12.62 4.17 21.37
C VAL C 6 12.20 3.15 22.39
N PHE C 7 11.73 1.98 21.91
CA PHE C 7 11.27 0.88 22.77
C PHE C 7 11.78 -0.40 22.15
N ASN C 8 12.13 -1.40 22.99
CA ASN C 8 12.59 -2.70 22.50
C ASN C 8 11.65 -3.82 22.93
N PHE C 9 11.54 -4.88 22.10
CA PHE C 9 10.73 -6.05 22.45
C PHE C 9 11.33 -6.80 23.66
#